data_5N2F
#
_entry.id   5N2F
#
_cell.length_a   51.815
_cell.length_b   52.379
_cell.length_c   111.526
_cell.angle_alpha   90.00
_cell.angle_beta   90.00
_cell.angle_gamma   90.00
#
_symmetry.space_group_name_H-M   'P 2 21 21'
#
loop_
_entity.id
_entity.type
_entity.pdbx_description
1 polymer 'Programmed cell death 1 ligand 1'
2 polymer 'Programmed cell death 1 ligand 1'
3 non-polymer '4-[[4-[[3-(2,3-dihydro-1,4-benzodioxin-6-yl)-2-methyl-phenyl]methoxy]-2,5-bis(fluoranyl)phenyl]methylamino]-3-oxidanylidene-butanoic acid'
4 water water
#
loop_
_entity_poly.entity_id
_entity_poly.type
_entity_poly.pdbx_seq_one_letter_code
_entity_poly.pdbx_strand_id
1 'polypeptide(L)'
;AFTVTVPKDLYVVEYGSNMTIECKFPVEKQLDLAALIVYWEMEDKNIIQFVHGEEDLKVQHSSYRQRARLLKDQLSLGNA
ALQITDVKLQDAGVYRCMISYGGADYKRITVKVNAPYAAALEHHHH
;
A
2 'polypeptide(L)'
;AFTVTVPKDLYVVEYGSNMTIECKFPVEKQLDLAALIVYWEMEDKNIIQFVHGEEDLKVQHSSYRQRARLLKDQLSLGNA
ALQITDVKLQDAGVYRCMISYGGADYKRITVKVNAPYAAALEHH
;
B
#
# COMPACT_ATOMS: atom_id res chain seq x y z
N ALA A 1 1.84 -2.61 -19.48
CA ALA A 1 2.10 -2.49 -18.04
C ALA A 1 1.02 -1.65 -17.35
N PHE A 2 0.38 -2.24 -16.34
CA PHE A 2 -0.71 -1.56 -15.65
C PHE A 2 -0.16 -0.42 -14.79
N THR A 3 -0.72 0.78 -14.96
CA THR A 3 -0.22 1.96 -14.27
C THR A 3 -1.40 2.76 -13.73
N VAL A 4 -1.32 3.14 -12.44
CA VAL A 4 -2.22 4.12 -11.85
C VAL A 4 -1.56 5.50 -11.93
N THR A 5 -2.33 6.53 -12.29
CA THR A 5 -1.81 7.88 -12.37
C THR A 5 -2.66 8.81 -11.54
N VAL A 6 -2.03 9.85 -11.01
CA VAL A 6 -2.73 10.90 -10.29
C VAL A 6 -2.53 12.20 -11.05
N PRO A 7 -3.60 12.86 -11.50
CA PRO A 7 -3.42 14.18 -12.12
C PRO A 7 -2.85 15.20 -11.15
N LYS A 8 -3.22 15.10 -9.87
CA LYS A 8 -2.71 15.97 -8.83
C LYS A 8 -2.21 15.10 -7.70
N ASP A 9 -0.98 15.32 -7.27
CA ASP A 9 -0.48 14.61 -6.10
C ASP A 9 -0.49 15.47 -4.85
N LEU A 10 -1.05 16.68 -4.95
CA LEU A 10 -1.16 17.59 -3.80
C LEU A 10 -2.52 18.26 -3.87
N TYR A 11 -3.26 18.21 -2.76
CA TYR A 11 -4.48 19.00 -2.61
C TYR A 11 -4.35 19.88 -1.39
N VAL A 12 -4.83 21.12 -1.52
CA VAL A 12 -4.86 22.07 -0.40
C VAL A 12 -6.32 22.44 -0.23
N VAL A 13 -6.93 22.02 0.86
CA VAL A 13 -8.37 22.17 1.03
C VAL A 13 -8.66 22.91 2.33
N GLU A 14 -9.80 23.58 2.33
CA GLU A 14 -10.26 24.34 3.49
C GLU A 14 -11.05 23.45 4.45
N TYR A 15 -10.77 23.59 5.73
CA TYR A 15 -11.57 22.92 6.76
C TYR A 15 -13.06 23.18 6.52
N GLY A 16 -13.86 22.11 6.61
CA GLY A 16 -15.30 22.20 6.43
C GLY A 16 -15.78 22.06 5.00
N SER A 17 -14.87 22.00 4.03
CA SER A 17 -15.25 21.87 2.63
C SER A 17 -15.37 20.40 2.26
N ASN A 18 -15.70 20.17 0.99
CA ASN A 18 -15.71 18.82 0.43
C ASN A 18 -14.53 18.70 -0.52
N MET A 19 -13.92 17.52 -0.56
CA MET A 19 -12.74 17.30 -1.38
C MET A 19 -12.93 16.01 -2.17
N THR A 20 -12.57 16.04 -3.45
CA THR A 20 -12.56 14.84 -4.27
C THR A 20 -11.15 14.65 -4.79
N ILE A 21 -10.53 13.52 -4.43
CA ILE A 21 -9.18 13.21 -4.88
C ILE A 21 -9.27 12.03 -5.83
N GLU A 22 -8.39 12.03 -6.82
CA GLU A 22 -8.58 11.15 -7.96
C GLU A 22 -7.34 10.36 -8.28
N CYS A 23 -7.53 9.06 -8.55
N CYS A 23 -7.53 9.09 -8.62
CA CYS A 23 -6.57 8.18 -9.21
CA CYS A 23 -6.51 8.26 -9.24
C CYS A 23 -7.20 7.69 -10.50
C CYS A 23 -7.13 7.61 -10.46
N LYS A 24 -6.42 7.65 -11.58
CA LYS A 24 -6.91 7.13 -12.84
C LYS A 24 -6.25 5.79 -13.10
N PHE A 25 -6.99 4.89 -13.73
CA PHE A 25 -6.46 3.60 -14.15
C PHE A 25 -7.04 3.26 -15.51
N PRO A 26 -6.33 2.48 -16.32
CA PRO A 26 -6.75 2.26 -17.70
C PRO A 26 -7.93 1.30 -17.81
N VAL A 27 -8.97 1.73 -18.52
CA VAL A 27 -10.13 0.91 -18.83
C VAL A 27 -10.28 0.92 -20.34
N GLU A 28 -10.16 -0.24 -20.96
CA GLU A 28 -10.25 -0.34 -22.41
C GLU A 28 -11.71 -0.51 -22.80
N LYS A 29 -12.39 0.63 -22.99
CA LYS A 29 -13.74 0.73 -23.56
C LYS A 29 -14.84 0.19 -22.65
N GLN A 30 -14.58 -0.89 -21.90
CA GLN A 30 -15.63 -1.53 -21.12
C GLN A 30 -15.08 -2.02 -19.79
N LEU A 31 -15.70 -1.58 -18.70
CA LEU A 31 -15.23 -1.93 -17.37
C LEU A 31 -15.70 -3.33 -16.98
N ASP A 32 -14.75 -4.18 -16.58
CA ASP A 32 -15.08 -5.52 -16.08
C ASP A 32 -15.18 -5.41 -14.56
N LEU A 33 -16.41 -5.29 -14.06
CA LEU A 33 -16.58 -4.96 -12.65
C LEU A 33 -16.09 -6.09 -11.75
N ALA A 34 -16.15 -7.33 -12.24
CA ALA A 34 -15.76 -8.48 -11.42
C ALA A 34 -14.27 -8.49 -11.13
N ALA A 35 -13.46 -7.87 -11.98
CA ALA A 35 -12.01 -7.90 -11.84
C ALA A 35 -11.46 -6.77 -11.00
N LEU A 36 -12.25 -5.74 -10.68
CA LEU A 36 -11.72 -4.51 -10.15
C LEU A 36 -11.75 -4.50 -8.62
N ILE A 37 -10.62 -4.17 -8.02
CA ILE A 37 -10.56 -3.80 -6.61
C ILE A 37 -10.00 -2.40 -6.51
N VAL A 38 -10.71 -1.53 -5.79
CA VAL A 38 -10.24 -0.18 -5.48
C VAL A 38 -10.14 -0.05 -3.97
N TYR A 39 -8.99 0.37 -3.49
CA TYR A 39 -8.76 0.51 -2.06
C TYR A 39 -8.14 1.86 -1.79
N TRP A 40 -8.73 2.62 -0.88
CA TRP A 40 -8.18 3.90 -0.45
C TRP A 40 -7.86 3.84 1.03
N GLU A 41 -6.69 4.37 1.39
CA GLU A 41 -6.29 4.44 2.79
C GLU A 41 -5.58 5.76 3.04
N MET A 42 -5.55 6.16 4.30
CA MET A 42 -4.70 7.24 4.74
C MET A 42 -4.07 6.79 6.04
N GLU A 43 -2.73 6.77 6.09
CA GLU A 43 -1.99 6.40 7.29
C GLU A 43 -2.52 5.11 7.90
N ASP A 44 -2.62 4.07 7.08
CA ASP A 44 -3.05 2.75 7.50
C ASP A 44 -4.51 2.71 7.96
N LYS A 45 -5.28 3.77 7.75
CA LYS A 45 -6.71 3.77 8.03
C LYS A 45 -7.47 3.45 6.75
N ASN A 46 -8.30 2.40 6.79
CA ASN A 46 -9.11 2.02 5.63
C ASN A 46 -10.22 3.05 5.41
N ILE A 47 -10.25 3.65 4.23
CA ILE A 47 -11.27 4.61 3.87
C ILE A 47 -12.35 3.98 3.01
N ILE A 48 -11.95 3.31 1.93
CA ILE A 48 -12.85 2.72 0.95
C ILE A 48 -12.30 1.38 0.52
N GLN A 49 -13.18 0.39 0.38
CA GLN A 49 -12.81 -0.90 -0.20
C GLN A 49 -13.91 -1.32 -1.15
N PHE A 50 -13.66 -1.19 -2.45
CA PHE A 50 -14.62 -1.53 -3.49
C PHE A 50 -14.18 -2.86 -4.11
N VAL A 51 -14.98 -3.90 -3.91
CA VAL A 51 -14.71 -5.25 -4.39
C VAL A 51 -16.02 -5.86 -4.89
N HIS A 52 -15.96 -6.56 -6.01
CA HIS A 52 -17.13 -7.22 -6.59
C HIS A 52 -18.24 -6.22 -6.89
N GLY A 53 -17.86 -5.02 -7.30
CA GLY A 53 -18.85 -4.04 -7.72
C GLY A 53 -19.65 -3.41 -6.61
N GLU A 54 -19.19 -3.51 -5.35
CA GLU A 54 -19.91 -2.91 -4.25
C GLU A 54 -18.91 -2.43 -3.20
N GLU A 55 -19.22 -1.31 -2.55
CA GLU A 55 -18.40 -0.82 -1.45
C GLU A 55 -18.55 -1.75 -0.24
N ASP A 56 -17.46 -1.89 0.51
CA ASP A 56 -17.38 -2.90 1.56
C ASP A 56 -16.99 -2.27 2.89
N LEU A 57 -17.97 -2.03 3.74
CA LEU A 57 -17.78 -1.83 5.18
C LEU A 57 -18.03 -3.22 5.79
N LYS A 58 -17.74 -3.49 7.06
CA LYS A 58 -17.34 -2.52 8.07
C LYS A 58 -15.86 -2.60 8.41
N VAL A 59 -15.03 -2.71 7.37
CA VAL A 59 -13.59 -2.51 7.56
C VAL A 59 -13.22 -1.04 7.51
N GLN A 60 -14.17 -0.17 7.14
CA GLN A 60 -13.91 1.26 7.06
C GLN A 60 -13.60 1.83 8.44
N HIS A 61 -12.59 2.70 8.50
CA HIS A 61 -12.17 3.31 9.75
C HIS A 61 -13.24 4.26 10.26
N SER A 62 -13.34 4.36 11.59
CA SER A 62 -14.43 5.15 12.18
C SER A 62 -14.33 6.63 11.81
N SER A 63 -13.11 7.14 11.61
CA SER A 63 -12.93 8.55 11.29
C SER A 63 -13.58 8.94 9.96
N TYR A 64 -13.78 7.98 9.07
CA TYR A 64 -14.28 8.26 7.73
C TYR A 64 -15.70 7.76 7.52
N ARG A 65 -16.34 7.23 8.56
CA ARG A 65 -17.71 6.74 8.45
C ARG A 65 -18.67 7.87 8.06
N GLN A 66 -19.51 7.59 7.07
CA GLN A 66 -20.53 8.51 6.56
C GLN A 66 -19.97 9.79 5.94
N ARG A 67 -18.64 9.90 5.83
CA ARG A 67 -18.03 11.05 5.19
C ARG A 67 -17.24 10.73 3.93
N ALA A 68 -17.05 9.45 3.61
CA ALA A 68 -16.19 9.06 2.50
C ALA A 68 -16.97 8.17 1.56
N ARG A 69 -16.89 8.46 0.27
CA ARG A 69 -17.55 7.63 -0.72
C ARG A 69 -16.70 7.62 -1.98
N LEU A 70 -16.75 6.49 -2.69
CA LEU A 70 -16.20 6.38 -4.02
C LEU A 70 -17.28 6.78 -5.01
N LEU A 71 -16.95 7.70 -5.91
CA LEU A 71 -17.94 8.16 -6.90
C LEU A 71 -18.03 7.11 -8.00
N LYS A 72 -18.95 6.16 -7.82
CA LYS A 72 -18.97 4.96 -8.64
C LYS A 72 -19.25 5.25 -10.11
N ASP A 73 -19.95 6.35 -10.40
CA ASP A 73 -20.26 6.72 -11.78
C ASP A 73 -19.00 7.04 -12.59
N GLN A 74 -17.88 7.32 -11.92
CA GLN A 74 -16.63 7.63 -12.58
C GLN A 74 -15.82 6.40 -12.95
N LEU A 75 -16.15 5.23 -12.41
CA LEU A 75 -15.31 4.05 -12.60
C LEU A 75 -15.24 3.62 -14.06
N SER A 76 -16.32 3.78 -14.83
CA SER A 76 -16.28 3.37 -16.22
C SER A 76 -15.31 4.22 -17.06
N LEU A 77 -15.02 5.44 -16.61
CA LEU A 77 -14.01 6.27 -17.24
C LEU A 77 -12.61 5.95 -16.75
N GLY A 78 -12.48 4.94 -15.89
CA GLY A 78 -11.20 4.64 -15.26
C GLY A 78 -10.79 5.65 -14.22
N ASN A 79 -11.76 6.26 -13.54
CA ASN A 79 -11.47 7.25 -12.52
C ASN A 79 -11.92 6.70 -11.17
N ALA A 80 -10.99 6.54 -10.26
CA ALA A 80 -11.28 6.11 -8.89
C ALA A 80 -11.24 7.38 -8.04
N ALA A 81 -12.41 7.98 -7.86
CA ALA A 81 -12.49 9.28 -7.23
C ALA A 81 -13.05 9.14 -5.82
N LEU A 82 -12.24 9.52 -4.83
CA LEU A 82 -12.65 9.50 -3.42
C LEU A 82 -13.19 10.87 -3.05
N GLN A 83 -14.44 10.93 -2.62
CA GLN A 83 -15.02 12.16 -2.11
C GLN A 83 -15.12 12.09 -0.60
N ILE A 84 -14.56 13.09 0.08
CA ILE A 84 -14.66 13.23 1.52
C ILE A 84 -15.43 14.51 1.81
N THR A 85 -16.54 14.38 2.52
CA THR A 85 -17.38 15.54 2.85
C THR A 85 -17.03 16.06 4.24
N ASP A 86 -17.11 17.39 4.37
CA ASP A 86 -16.87 18.07 5.65
C ASP A 86 -15.46 17.77 6.19
N VAL A 87 -14.47 18.28 5.44
CA VAL A 87 -13.07 18.00 5.74
C VAL A 87 -12.69 18.49 7.12
N LYS A 88 -11.96 17.63 7.85
CA LYS A 88 -11.46 17.90 9.20
C LYS A 88 -9.94 18.00 9.19
N LEU A 89 -9.39 18.57 10.27
CA LEU A 89 -7.93 18.69 10.34
C LEU A 89 -7.27 17.31 10.32
N GLN A 90 -7.91 16.31 10.92
CA GLN A 90 -7.36 14.96 10.93
C GLN A 90 -7.35 14.32 9.54
N ASP A 91 -7.98 14.94 8.54
CA ASP A 91 -7.94 14.44 7.17
C ASP A 91 -6.65 14.81 6.44
N ALA A 92 -5.84 15.69 7.00
CA ALA A 92 -4.56 16.03 6.40
C ALA A 92 -3.59 14.87 6.53
N GLY A 93 -2.91 14.55 5.45
CA GLY A 93 -1.91 13.51 5.48
C GLY A 93 -1.74 12.90 4.10
N VAL A 94 -1.10 11.73 4.05
CA VAL A 94 -0.80 11.07 2.80
C VAL A 94 -1.81 9.95 2.56
N TYR A 95 -2.52 10.05 1.44
CA TYR A 95 -3.49 9.07 0.97
C TYR A 95 -2.86 8.18 -0.07
N ARG A 96 -3.31 6.93 -0.14
CA ARG A 96 -2.88 6.04 -1.20
C ARG A 96 -4.08 5.42 -1.88
N CYS A 97 -4.08 5.50 -3.22
N CYS A 97 -4.05 5.34 -3.20
CA CYS A 97 -4.84 4.64 -4.09
CA CYS A 97 -5.09 4.68 -3.98
C CYS A 97 -4.17 3.30 -4.18
C CYS A 97 -4.47 3.41 -4.58
N MET A 98 -4.95 2.25 -4.11
CA MET A 98 -4.46 0.92 -4.51
C MET A 98 -5.49 0.30 -5.42
N ILE A 99 -5.08 -0.12 -6.61
CA ILE A 99 -6.04 -0.59 -7.60
C ILE A 99 -5.51 -1.89 -8.18
N SER A 100 -6.37 -2.91 -8.18
CA SER A 100 -6.12 -4.16 -8.89
C SER A 100 -7.13 -4.24 -10.02
N TYR A 101 -6.63 -4.32 -11.25
CA TYR A 101 -7.48 -4.43 -12.43
C TYR A 101 -6.67 -5.12 -13.52
N GLY A 102 -6.63 -6.45 -13.46
CA GLY A 102 -5.61 -7.17 -14.21
C GLY A 102 -4.30 -7.05 -13.48
N GLY A 103 -3.58 -5.96 -13.72
CA GLY A 103 -2.38 -5.65 -12.98
C GLY A 103 -2.73 -4.96 -11.69
N ALA A 104 -1.69 -4.42 -11.04
CA ALA A 104 -1.88 -3.73 -9.77
C ALA A 104 -0.84 -2.63 -9.63
N ASP A 105 -1.25 -1.50 -9.05
CA ASP A 105 -0.36 -0.38 -8.85
C ASP A 105 -0.99 0.50 -7.78
N TYR A 106 -0.20 1.45 -7.27
CA TYR A 106 -0.73 2.37 -6.27
C TYR A 106 -0.03 3.72 -6.41
N LYS A 107 -0.70 4.78 -5.96
CA LYS A 107 -0.10 6.11 -5.95
C LYS A 107 -0.42 6.83 -4.65
N ARG A 108 0.43 7.77 -4.28
CA ARG A 108 0.24 8.61 -3.11
C ARG A 108 -0.28 10.00 -3.50
N ILE A 109 -1.10 10.57 -2.63
CA ILE A 109 -1.61 11.93 -2.75
C ILE A 109 -1.49 12.58 -1.38
N THR A 110 -0.92 13.77 -1.34
CA THR A 110 -0.76 14.53 -0.10
C THR A 110 -1.89 15.53 -0.01
N VAL A 111 -2.55 15.57 1.14
CA VAL A 111 -3.63 16.53 1.41
C VAL A 111 -3.20 17.43 2.56
N LYS A 112 -3.27 18.75 2.33
CA LYS A 112 -3.06 19.75 3.36
C LYS A 112 -4.41 20.37 3.69
N VAL A 113 -4.65 20.63 4.98
CA VAL A 113 -5.89 21.27 5.41
C VAL A 113 -5.57 22.60 6.05
N ASN A 114 -6.12 23.67 5.47
CA ASN A 114 -6.14 24.99 6.12
C ASN A 114 -7.33 25.05 7.07
N ALA A 115 -7.14 25.68 8.24
CA ALA A 115 -8.24 25.79 9.19
C ALA A 115 -8.09 27.05 10.03
N PRO A 116 -9.19 27.70 10.39
CA PRO A 116 -9.12 28.89 11.24
C PRO A 116 -8.72 28.53 12.67
N TYR A 117 -8.38 29.57 13.42
CA TYR A 117 -7.91 29.41 14.79
C TYR A 117 -8.86 28.56 15.64
N ALA A 118 -10.17 28.84 15.58
CA ALA A 118 -11.08 28.15 16.47
C ALA A 118 -11.05 26.64 16.23
N ALA A 119 -10.97 26.23 14.96
CA ALA A 119 -10.92 24.81 14.64
C ALA A 119 -9.59 24.20 15.05
N ALA A 120 -8.48 24.89 14.78
CA ALA A 120 -7.17 24.39 15.19
C ALA A 120 -7.06 24.28 16.70
N LEU A 121 -7.64 25.23 17.42
CA LEU A 121 -7.54 25.20 18.88
C LEU A 121 -8.21 23.97 19.45
N GLU A 122 -9.38 23.60 18.92
CA GLU A 122 -10.02 22.37 19.34
C GLU A 122 -9.16 21.15 18.99
N HIS A 123 -8.60 21.13 17.78
CA HIS A 123 -7.72 20.03 17.38
C HIS A 123 -6.45 20.01 18.23
N HIS A 124 -5.96 21.19 18.61
CA HIS A 124 -4.76 21.30 19.44
C HIS A 124 -4.99 20.71 20.83
N HIS A 125 -6.18 20.91 21.39
CA HIS A 125 -6.51 20.47 22.74
C HIS A 125 -7.14 19.08 22.80
N HIS A 126 -7.32 18.41 21.67
CA HIS A 126 -7.94 17.09 21.66
C HIS A 126 -7.59 16.32 20.38
N ALA B 1 -12.60 -15.28 0.89
CA ALA B 1 -12.03 -13.94 0.97
C ALA B 1 -10.49 -13.99 1.02
N PHE B 2 -9.87 -13.42 -0.01
CA PHE B 2 -8.42 -13.48 -0.14
C PHE B 2 -7.73 -12.68 0.97
N THR B 3 -6.81 -13.31 1.68
CA THR B 3 -6.20 -12.68 2.83
C THR B 3 -4.71 -12.97 2.85
N VAL B 4 -3.91 -11.94 3.08
CA VAL B 4 -2.48 -12.06 3.28
C VAL B 4 -2.23 -12.11 4.78
N THR B 5 -1.38 -13.01 5.23
CA THR B 5 -1.09 -13.11 6.66
C THR B 5 0.41 -13.06 6.87
N VAL B 6 0.82 -12.50 7.99
CA VAL B 6 2.23 -12.47 8.41
C VAL B 6 2.32 -13.17 9.74
N PRO B 7 3.15 -14.21 9.88
CA PRO B 7 3.27 -14.88 11.18
C PRO B 7 3.82 -13.98 12.26
N LYS B 8 4.71 -13.06 11.90
CA LYS B 8 5.28 -12.06 12.81
C LYS B 8 5.07 -10.69 12.20
N ASP B 9 4.56 -9.74 12.97
CA ASP B 9 4.47 -8.38 12.46
C ASP B 9 5.53 -7.47 13.07
N LEU B 10 6.44 -8.04 13.85
CA LEU B 10 7.58 -7.32 14.41
C LEU B 10 8.82 -8.19 14.26
N TYR B 11 9.90 -7.61 13.73
CA TYR B 11 11.21 -8.26 13.73
C TYR B 11 12.20 -7.32 14.39
N VAL B 12 13.07 -7.89 15.23
CA VAL B 12 14.15 -7.14 15.88
C VAL B 12 15.43 -7.82 15.43
N VAL B 13 16.24 -7.11 14.64
CA VAL B 13 17.37 -7.75 13.98
C VAL B 13 18.64 -6.97 14.26
N GLU B 14 19.77 -7.65 14.17
CA GLU B 14 21.06 -7.05 14.46
C GLU B 14 21.65 -6.47 13.18
N TYR B 15 22.18 -5.25 13.29
CA TYR B 15 22.94 -4.64 12.20
C TYR B 15 23.95 -5.64 11.66
N GLY B 16 23.97 -5.82 10.34
CA GLY B 16 24.92 -6.69 9.70
C GLY B 16 24.48 -8.12 9.51
N SER B 17 23.35 -8.51 10.10
CA SER B 17 22.80 -9.85 9.95
C SER B 17 22.01 -9.97 8.64
N ASN B 18 21.54 -11.18 8.35
CA ASN B 18 20.57 -11.37 7.29
C ASN B 18 19.18 -11.51 7.92
N MET B 19 18.17 -11.02 7.21
CA MET B 19 16.78 -10.99 7.66
C MET B 19 15.85 -11.62 6.63
N THR B 20 14.96 -12.52 7.07
CA THR B 20 13.90 -13.01 6.20
C THR B 20 12.56 -12.66 6.82
N ILE B 21 11.77 -11.80 6.17
N ILE B 21 11.78 -11.84 6.11
CA ILE B 21 10.47 -11.45 6.72
CA ILE B 21 10.46 -11.41 6.56
C ILE B 21 9.38 -12.18 5.94
C ILE B 21 9.42 -12.28 5.87
N GLU B 22 8.62 -13.01 6.65
CA GLU B 22 7.68 -13.94 6.06
C GLU B 22 6.34 -13.28 5.75
N CYS B 23 5.71 -13.80 4.71
N CYS B 23 5.73 -13.68 4.64
CA CYS B 23 4.47 -13.25 4.21
CA CYS B 23 4.42 -13.17 4.26
C CYS B 23 3.77 -14.37 3.46
C CYS B 23 3.71 -14.22 3.41
N LYS B 24 2.53 -14.64 3.85
CA LYS B 24 1.84 -15.83 3.37
C LYS B 24 0.54 -15.47 2.65
N PHE B 25 0.22 -16.21 1.60
CA PHE B 25 -1.03 -16.04 0.89
C PHE B 25 -1.58 -17.40 0.48
N PRO B 26 -2.89 -17.50 0.34
CA PRO B 26 -3.50 -18.83 0.08
C PRO B 26 -3.21 -19.33 -1.32
N VAL B 27 -2.86 -20.61 -1.39
CA VAL B 27 -2.69 -21.31 -2.67
C VAL B 27 -3.29 -22.69 -2.51
N GLU B 28 -4.47 -22.91 -3.07
CA GLU B 28 -5.13 -24.21 -2.97
C GLU B 28 -4.64 -25.15 -4.06
N LYS B 29 -5.14 -24.97 -5.29
CA LYS B 29 -4.65 -25.74 -6.42
C LYS B 29 -3.26 -25.25 -6.81
N GLN B 30 -2.72 -25.84 -7.88
CA GLN B 30 -1.36 -25.51 -8.31
C GLN B 30 -1.21 -24.01 -8.58
N LEU B 31 -0.06 -23.46 -8.20
CA LEU B 31 0.16 -22.03 -8.31
C LEU B 31 0.12 -21.59 -9.77
N ASP B 32 -0.69 -20.57 -10.05
CA ASP B 32 -0.79 -20.00 -11.39
C ASP B 32 0.05 -18.72 -11.39
N LEU B 33 1.31 -18.85 -11.80
CA LEU B 33 2.24 -17.72 -11.74
C LEU B 33 1.75 -16.54 -12.56
N ALA B 34 1.09 -16.81 -13.68
CA ALA B 34 0.63 -15.74 -14.55
C ALA B 34 -0.38 -14.83 -13.87
N ALA B 35 -1.06 -15.30 -12.83
CA ALA B 35 -2.06 -14.50 -12.14
C ALA B 35 -1.54 -13.88 -10.85
N LEU B 36 -0.26 -14.05 -10.53
CA LEU B 36 0.29 -13.61 -9.25
C LEU B 36 1.09 -12.31 -9.40
N ILE B 37 0.93 -11.40 -8.43
CA ILE B 37 1.80 -10.23 -8.30
C ILE B 37 2.23 -10.12 -6.85
N VAL B 38 3.54 -10.04 -6.62
CA VAL B 38 4.10 -9.84 -5.29
C VAL B 38 4.90 -8.55 -5.30
N TYR B 39 4.61 -7.66 -4.36
CA TYR B 39 5.34 -6.39 -4.30
C TYR B 39 5.69 -6.09 -2.86
N TRP B 40 6.96 -5.77 -2.61
CA TRP B 40 7.42 -5.39 -1.29
C TRP B 40 7.92 -3.96 -1.32
N GLU B 41 7.57 -3.21 -0.28
CA GLU B 41 8.08 -1.85 -0.16
C GLU B 41 8.30 -1.52 1.30
N MET B 42 9.11 -0.51 1.53
CA MET B 42 9.26 0.07 2.86
C MET B 42 9.28 1.58 2.66
N GLU B 43 8.36 2.30 3.31
N GLU B 43 8.31 2.25 3.28
CA GLU B 43 8.37 3.76 3.24
CA GLU B 43 8.16 3.69 3.28
C GLU B 43 8.40 4.28 1.79
C GLU B 43 8.35 4.25 1.86
N ASP B 44 7.57 3.67 0.94
CA ASP B 44 7.48 4.03 -0.47
C ASP B 44 8.73 3.72 -1.30
N LYS B 45 9.69 2.97 -0.75
CA LYS B 45 10.81 2.48 -1.54
C LYS B 45 10.46 1.11 -2.12
N ASN B 46 10.57 0.98 -3.44
CA ASN B 46 10.37 -0.30 -4.11
C ASN B 46 11.49 -1.25 -3.70
N ILE B 47 11.16 -2.35 -3.03
CA ILE B 47 12.21 -3.30 -2.63
C ILE B 47 12.35 -4.37 -3.67
N ILE B 48 11.26 -5.07 -3.99
CA ILE B 48 11.30 -6.11 -4.98
C ILE B 48 9.89 -6.36 -5.49
N GLN B 49 9.80 -7.03 -6.64
CA GLN B 49 8.49 -7.39 -7.17
C GLN B 49 8.61 -8.61 -8.06
N PHE B 50 7.49 -9.28 -8.23
CA PHE B 50 7.36 -10.43 -9.10
C PHE B 50 6.00 -10.24 -9.75
N VAL B 51 5.96 -9.93 -11.03
CA VAL B 51 4.72 -9.51 -11.69
C VAL B 51 4.43 -10.52 -12.78
N HIS B 52 3.47 -11.40 -12.53
CA HIS B 52 3.16 -12.49 -13.45
C HIS B 52 4.47 -13.14 -13.89
N GLY B 53 5.07 -12.60 -14.95
CA GLY B 53 6.36 -13.06 -15.42
C GLY B 53 7.41 -13.17 -14.34
N GLU B 54 8.08 -12.07 -14.02
CA GLU B 54 9.26 -12.18 -13.17
C GLU B 54 9.51 -10.83 -12.50
N GLU B 55 10.76 -10.62 -12.06
CA GLU B 55 11.16 -9.47 -11.27
C GLU B 55 11.64 -8.34 -12.16
N ASP B 56 11.32 -7.11 -11.79
CA ASP B 56 11.74 -5.91 -12.53
C ASP B 56 12.68 -5.10 -11.66
N LEU B 57 13.98 -5.30 -11.84
CA LEU B 57 14.96 -4.56 -11.06
C LEU B 57 15.03 -3.08 -11.46
N LYS B 58 14.50 -2.70 -12.62
CA LYS B 58 14.69 -1.33 -13.08
C LYS B 58 14.05 -0.33 -12.14
N VAL B 59 13.00 -0.73 -11.42
CA VAL B 59 12.29 0.18 -10.51
C VAL B 59 12.73 0.01 -9.06
N GLN B 60 13.69 -0.86 -8.79
CA GLN B 60 14.12 -1.11 -7.43
C GLN B 60 14.86 0.10 -6.86
N HIS B 61 14.55 0.44 -5.61
CA HIS B 61 15.25 1.52 -4.92
C HIS B 61 16.73 1.16 -4.71
N SER B 62 17.60 2.15 -4.90
CA SER B 62 19.04 1.87 -4.87
C SER B 62 19.50 1.34 -3.51
N SER B 63 18.83 1.71 -2.42
CA SER B 63 19.28 1.24 -1.12
C SER B 63 19.06 -0.25 -0.91
N TYR B 64 18.31 -0.91 -1.80
CA TYR B 64 18.10 -2.35 -1.70
C TYR B 64 18.75 -3.13 -2.83
N ARG B 65 19.41 -2.44 -3.77
CA ARG B 65 20.08 -3.11 -4.87
C ARG B 65 21.07 -4.16 -4.38
N GLN B 66 20.99 -5.35 -4.98
CA GLN B 66 21.83 -6.51 -4.67
C GLN B 66 21.73 -6.98 -3.22
N ARG B 67 20.78 -6.48 -2.45
CA ARG B 67 20.60 -6.92 -1.07
C ARG B 67 19.25 -7.58 -0.83
N ALA B 68 18.37 -7.61 -1.80
CA ALA B 68 17.00 -8.05 -1.57
C ALA B 68 16.64 -9.14 -2.58
N ARG B 69 15.99 -10.19 -2.10
CA ARG B 69 15.52 -11.20 -3.04
C ARG B 69 14.26 -11.88 -2.53
N LEU B 70 13.47 -12.36 -3.47
CA LEU B 70 12.28 -13.14 -3.19
C LEU B 70 12.62 -14.60 -3.44
N LEU B 71 12.31 -15.47 -2.48
CA LEU B 71 12.57 -16.90 -2.65
C LEU B 71 11.49 -17.47 -3.58
N LYS B 72 11.86 -17.63 -4.85
CA LYS B 72 10.87 -17.78 -5.91
C LYS B 72 10.12 -19.11 -5.83
N ASP B 73 10.81 -20.19 -5.50
CA ASP B 73 10.15 -21.50 -5.51
C ASP B 73 9.35 -21.78 -4.24
N GLN B 74 9.40 -20.90 -3.25
CA GLN B 74 8.47 -20.99 -2.13
C GLN B 74 7.12 -20.37 -2.45
N LEU B 75 6.98 -19.74 -3.62
CA LEU B 75 5.72 -19.10 -3.96
C LEU B 75 4.62 -20.13 -4.19
N SER B 76 4.97 -21.32 -4.69
CA SER B 76 3.99 -22.37 -4.89
C SER B 76 3.40 -22.87 -3.59
N LEU B 77 4.08 -22.67 -2.47
CA LEU B 77 3.56 -23.00 -1.16
C LEU B 77 2.85 -21.82 -0.50
N GLY B 78 2.63 -20.74 -1.23
CA GLY B 78 2.00 -19.56 -0.66
C GLY B 78 2.92 -18.73 0.21
N ASN B 79 4.21 -18.76 -0.05
CA ASN B 79 5.22 -18.10 0.78
C ASN B 79 5.86 -16.99 -0.03
N ALA B 80 5.65 -15.74 0.39
CA ALA B 80 6.24 -14.58 -0.29
C ALA B 80 7.31 -13.89 0.54
N ALA B 81 8.26 -14.66 1.05
CA ALA B 81 9.24 -14.17 1.99
C ALA B 81 10.27 -13.28 1.29
N LEU B 82 10.61 -12.18 1.95
CA LEU B 82 11.64 -11.25 1.48
C LEU B 82 12.92 -11.50 2.27
N GLN B 83 14.03 -11.73 1.57
CA GLN B 83 15.33 -11.87 2.22
C GLN B 83 16.15 -10.61 1.98
N ILE B 84 16.58 -9.97 3.06
CA ILE B 84 17.49 -8.84 3.02
C ILE B 84 18.82 -9.29 3.59
N THR B 85 19.90 -9.10 2.84
CA THR B 85 21.23 -9.47 3.33
C THR B 85 21.94 -8.22 3.85
N ASP B 86 22.69 -8.39 4.93
CA ASP B 86 23.55 -7.34 5.49
C ASP B 86 22.72 -6.13 5.91
N VAL B 87 21.95 -6.34 6.97
CA VAL B 87 21.00 -5.34 7.43
C VAL B 87 21.72 -4.06 7.85
N LYS B 88 21.16 -2.93 7.42
CA LYS B 88 21.67 -1.60 7.67
C LYS B 88 20.69 -0.84 8.56
N LEU B 89 21.16 0.25 9.19
CA LEU B 89 20.27 0.99 10.08
C LEU B 89 19.09 1.58 9.33
N GLN B 90 19.29 1.92 8.05
CA GLN B 90 18.17 2.45 7.25
C GLN B 90 17.13 1.40 6.91
N ASP B 91 17.37 0.14 7.22
CA ASP B 91 16.39 -0.92 7.00
C ASP B 91 15.32 -0.95 8.08
N ALA B 92 15.50 -0.19 9.17
CA ALA B 92 14.48 -0.12 10.20
C ALA B 92 13.29 0.67 9.68
N GLY B 93 12.10 0.16 9.89
CA GLY B 93 10.89 0.88 9.49
C GLY B 93 9.75 -0.09 9.25
N VAL B 94 8.72 0.39 8.56
CA VAL B 94 7.52 -0.41 8.32
C VAL B 94 7.53 -0.88 6.86
N TYR B 95 7.50 -2.20 6.69
CA TYR B 95 7.47 -2.89 5.42
C TYR B 95 6.05 -3.29 5.09
N ARG B 96 5.75 -3.36 3.79
CA ARG B 96 4.44 -3.83 3.36
CA ARG B 96 4.44 -3.84 3.37
C ARG B 96 4.65 -4.92 2.32
N CYS B 97 3.95 -6.04 2.52
N CYS B 97 4.02 -6.07 2.54
CA CYS B 97 3.89 -7.16 1.58
CA CYS B 97 3.94 -7.09 1.51
C CYS B 97 2.54 -7.09 0.87
C CYS B 97 2.56 -6.96 0.89
N MET B 98 2.54 -6.71 -0.41
CA MET B 98 1.32 -6.52 -1.17
C MET B 98 1.22 -7.64 -2.19
N ILE B 99 0.09 -8.33 -2.21
CA ILE B 99 -0.07 -9.49 -3.08
C ILE B 99 -1.40 -9.42 -3.80
N SER B 100 -1.37 -9.67 -5.11
CA SER B 100 -2.56 -9.89 -5.91
C SER B 100 -2.55 -11.32 -6.43
N TYR B 101 -3.64 -12.05 -6.16
CA TYR B 101 -3.80 -13.43 -6.62
C TYR B 101 -5.25 -13.88 -6.47
N GLY B 102 -6.01 -13.69 -7.55
N GLY B 102 -6.13 -13.60 -7.43
CA GLY B 102 -7.45 -13.66 -7.55
CA GLY B 102 -7.53 -13.97 -7.24
C GLY B 102 -7.90 -12.36 -6.94
C GLY B 102 -8.20 -13.18 -6.14
N GLY B 103 -7.48 -12.15 -5.71
CA GLY B 103 -7.93 -11.08 -4.85
C GLY B 103 -6.72 -10.23 -4.56
N ALA B 104 -6.85 -9.28 -3.65
CA ALA B 104 -5.71 -8.45 -3.31
C ALA B 104 -5.74 -8.09 -1.84
N ASP B 105 -4.57 -8.08 -1.22
CA ASP B 105 -4.48 -7.71 0.19
C ASP B 105 -3.04 -7.29 0.47
N TYR B 106 -2.82 -6.74 1.66
CA TYR B 106 -1.45 -6.46 2.11
C TYR B 106 -1.38 -6.53 3.63
N LYS B 107 -0.17 -6.70 4.13
CA LYS B 107 0.09 -6.62 5.56
C LYS B 107 1.32 -5.79 5.82
N ARG B 108 1.36 -5.16 6.99
CA ARG B 108 2.50 -4.40 7.46
C ARG B 108 3.35 -5.24 8.40
N ILE B 109 4.65 -5.00 8.37
CA ILE B 109 5.63 -5.63 9.26
C ILE B 109 6.58 -4.53 9.73
N THR B 110 6.78 -4.42 11.04
CA THR B 110 7.69 -3.44 11.60
C THR B 110 9.05 -4.09 11.86
N VAL B 111 10.12 -3.44 11.43
CA VAL B 111 11.47 -3.97 11.65
C VAL B 111 12.24 -2.97 12.51
N LYS B 112 12.82 -3.46 13.61
CA LYS B 112 13.72 -2.69 14.45
C LYS B 112 15.14 -3.21 14.24
N VAL B 113 16.11 -2.30 14.19
CA VAL B 113 17.52 -2.67 14.02
C VAL B 113 18.33 -2.21 15.24
N ASN B 114 18.97 -3.18 15.92
CA ASN B 114 19.96 -2.90 16.95
C ASN B 114 21.31 -2.72 16.29
N ALA B 115 22.11 -1.77 16.77
CA ALA B 115 23.41 -1.53 16.16
C ALA B 115 24.39 -0.98 17.18
N PRO B 116 25.67 -1.33 17.07
CA PRO B 116 26.67 -0.82 18.02
C PRO B 116 26.98 0.64 17.77
N TYR B 117 27.64 1.23 18.77
CA TYR B 117 27.99 2.64 18.74
C TYR B 117 28.66 3.06 17.42
N ALA B 118 29.64 2.27 16.95
CA ALA B 118 30.40 2.67 15.77
C ALA B 118 29.48 2.87 14.57
N ALA B 119 28.57 1.92 14.34
CA ALA B 119 27.62 2.04 13.23
C ALA B 119 26.67 3.21 13.43
N ALA B 120 26.13 3.37 14.64
CA ALA B 120 25.21 4.46 14.91
C ALA B 120 25.91 5.81 14.73
N LEU B 121 27.18 5.89 15.12
CA LEU B 121 27.92 7.14 15.05
C LEU B 121 28.14 7.58 13.61
N GLU B 122 28.47 6.64 12.72
CA GLU B 122 28.62 7.00 11.32
C GLU B 122 27.32 7.54 10.77
N HIS B 123 26.21 6.91 11.14
CA HIS B 123 24.89 7.48 10.86
C HIS B 123 24.55 8.56 11.89
N HIS B 124 25.35 9.64 11.89
CA HIS B 124 25.17 10.75 12.84
C HIS B 124 26.10 11.92 12.51
#